data_6V2Q
#
_entry.id   6V2Q
#
_cell.length_a   50.922
_cell.length_b   82.158
_cell.length_c   110.821
_cell.angle_alpha   90.00
_cell.angle_beta   90.00
_cell.angle_gamma   90.00
#
_symmetry.space_group_name_H-M   'P 21 21 21'
#
loop_
_entity.id
_entity.type
_entity.pdbx_description
1 polymer 'HLA-B alpha chain (B*5703GB)'
2 polymer Beta-2-microglobulin
3 polymer 'Peptide LEU-SER-SER-PRO-VAL-THR-LYS-SER-PHE'
4 non-polymer 'ACETATE ION'
5 water water
#
loop_
_entity_poly.entity_id
_entity_poly.type
_entity_poly.pdbx_seq_one_letter_code
_entity_poly.pdbx_strand_id
1 'polypeptide(L)'
;GSHSMRYFYTAMSRPGRGEPRFIAVGYVDDTQFVRFDSDAASPRMAPRAPWIEQEGPEYWDGETRNMKASAQTYRENLRI
ALRYYNQSEAGSHIIQVMYGCDVGPDGRLLRGHNQYAYDGKDYIALNEDLSSWTAADTAAQITQRKWEAARVAEQLRAYL
EGLCVEWLRRYLENGKETLQRADPPKTHVTHHPISDHEATLRCWALGFYPAEITLTWQRDGEDQTQDTELVETRPAGDRT
FQKWAAVVVPSGEEQRYTCHVQHEGLPKPLTLRWEP
;
A
2 'polypeptide(L)'
;MIQRTPKIQVYSRHPAENGKSNFLNCYVSGFHPSDIEVDLLKNGERIEKVEHSDLSFSKDWSFYLLYYTEFTPTEKDEYA
CRVNHVTLSQPKIVKWDRDM
;
B
3 'polypeptide(L)' LSSPVTKSF C
#
loop_
_chem_comp.id
_chem_comp.type
_chem_comp.name
_chem_comp.formula
ACT non-polymer 'ACETATE ION' 'C2 H3 O2 -1'
#
# COMPACT_ATOMS: atom_id res chain seq x y z
N GLY A 1 -5.49 -20.60 -3.02
CA GLY A 1 -5.59 -19.70 -4.21
C GLY A 1 -4.22 -19.28 -4.71
N SER A 2 -4.15 -18.19 -5.46
CA SER A 2 -2.88 -17.63 -5.91
C SER A 2 -2.31 -16.71 -4.84
N HIS A 3 -1.01 -16.48 -4.91
CA HIS A 3 -0.36 -15.69 -3.88
C HIS A 3 0.76 -14.89 -4.49
N SER A 4 1.17 -13.83 -3.79
CA SER A 4 2.27 -13.00 -4.24
C SER A 4 3.22 -12.65 -3.10
N MET A 5 4.48 -12.43 -3.45
CA MET A 5 5.44 -11.78 -2.58
C MET A 5 5.89 -10.49 -3.25
N ARG A 6 5.96 -9.41 -2.49
CA ARG A 6 6.39 -8.14 -3.04
C ARG A 6 7.28 -7.43 -2.05
N TYR A 7 8.35 -6.83 -2.56
CA TYR A 7 9.14 -5.83 -1.82
C TYR A 7 8.94 -4.46 -2.45
N PHE A 8 8.84 -3.44 -1.60
CA PHE A 8 8.63 -2.05 -2.00
C PHE A 8 9.73 -1.24 -1.34
N TYR A 9 10.58 -0.59 -2.14
CA TYR A 9 11.59 0.32 -1.62
C TYR A 9 11.23 1.75 -1.97
N THR A 10 11.48 2.66 -1.02
CA THR A 10 11.37 4.10 -1.24
C THR A 10 12.68 4.75 -0.79
N ALA A 11 13.33 5.50 -1.69
CA ALA A 11 14.56 6.24 -1.41
C ALA A 11 14.27 7.71 -1.67
N MET A 12 14.41 8.56 -0.64
CA MET A 12 13.95 9.95 -0.66
CA MET A 12 13.98 9.95 -0.71
C MET A 12 15.11 10.88 -0.30
N SER A 13 15.60 11.68 -1.25
CA SER A 13 16.67 12.63 -0.91
C SER A 13 16.10 13.84 -0.19
N ARG A 14 16.96 14.52 0.56
CA ARG A 14 16.53 15.64 1.39
C ARG A 14 17.73 16.56 1.57
N PRO A 15 18.08 17.30 0.52
CA PRO A 15 19.30 18.11 0.58
C PRO A 15 19.29 19.05 1.78
N GLY A 16 20.43 19.06 2.47
CA GLY A 16 20.64 19.88 3.65
C GLY A 16 20.19 19.21 4.94
N ARG A 17 19.60 18.02 4.84
CA ARG A 17 19.02 17.29 5.96
C ARG A 17 19.54 15.87 6.00
N GLY A 18 20.81 15.69 5.64
CA GLY A 18 21.44 14.39 5.71
C GLY A 18 21.29 13.61 4.42
N GLU A 19 21.65 12.33 4.50
CA GLU A 19 21.61 11.43 3.35
C GLU A 19 20.19 10.98 3.10
N PRO A 20 19.88 10.50 1.88
CA PRO A 20 18.51 10.09 1.58
C PRO A 20 18.01 8.98 2.49
N ARG A 21 16.76 9.11 2.94
CA ARG A 21 16.12 8.06 3.71
CA ARG A 21 16.11 8.06 3.72
C ARG A 21 15.77 6.88 2.80
N PHE A 22 16.04 5.67 3.29
CA PHE A 22 15.69 4.45 2.57
C PHE A 22 14.77 3.62 3.44
N ILE A 23 13.59 3.29 2.92
CA ILE A 23 12.64 2.44 3.64
CA ILE A 23 12.62 2.46 3.64
C ILE A 23 12.22 1.31 2.72
N ALA A 24 12.30 0.08 3.23
CA ALA A 24 11.90 -1.11 2.51
C ALA A 24 10.82 -1.81 3.31
N VAL A 25 9.77 -2.30 2.61
CA VAL A 25 8.81 -3.17 3.26
C VAL A 25 8.61 -4.40 2.39
N GLY A 26 8.32 -5.50 3.05
CA GLY A 26 8.03 -6.76 2.37
C GLY A 26 6.63 -7.25 2.72
N TYR A 27 5.94 -7.80 1.70
CA TYR A 27 4.56 -8.29 1.83
C TYR A 27 4.43 -9.69 1.24
N VAL A 28 3.60 -10.52 1.87
CA VAL A 28 2.99 -11.66 1.22
C VAL A 28 1.50 -11.34 1.11
N ASP A 29 0.98 -11.34 -0.12
CA ASP A 29 -0.39 -10.90 -0.39
C ASP A 29 -0.58 -9.55 0.29
N ASP A 30 -1.60 -9.38 1.11
CA ASP A 30 -1.87 -8.12 1.76
C ASP A 30 -1.35 -8.08 3.19
N THR A 31 -0.38 -8.93 3.51
CA THR A 31 0.20 -8.99 4.85
C THR A 31 1.65 -8.53 4.83
N GLN A 32 1.94 -7.39 5.48
CA GLN A 32 3.33 -6.97 5.64
C GLN A 32 4.06 -7.92 6.57
N PHE A 33 5.30 -8.30 6.24
CA PHE A 33 6.04 -9.19 7.15
C PHE A 33 7.45 -8.73 7.53
N VAL A 34 8.04 -7.75 6.83
CA VAL A 34 9.32 -7.17 7.22
C VAL A 34 9.34 -5.69 6.92
N ARG A 35 10.25 -4.98 7.60
CA ARG A 35 10.50 -3.58 7.33
C ARG A 35 11.98 -3.27 7.60
N PHE A 36 12.50 -2.25 6.92
CA PHE A 36 13.82 -1.69 7.18
C PHE A 36 13.72 -0.18 7.02
N ASP A 37 14.34 0.60 7.90
CA ASP A 37 14.28 2.06 7.81
C ASP A 37 15.64 2.61 8.21
N SER A 38 16.31 3.30 7.27
CA SER A 38 17.62 3.86 7.56
C SER A 38 17.57 4.93 8.64
N ASP A 39 16.41 5.51 8.94
CA ASP A 39 16.29 6.52 9.98
C ASP A 39 16.08 5.92 11.37
N ALA A 40 15.95 4.60 11.46
CA ALA A 40 15.87 3.97 12.79
C ALA A 40 17.19 4.19 13.54
N ALA A 41 17.08 4.23 14.88
CA ALA A 41 18.28 4.37 15.71
C ALA A 41 19.32 3.29 15.37
N SER A 42 18.88 2.04 15.21
CA SER A 42 19.74 0.93 14.82
CA SER A 42 19.74 0.93 14.82
C SER A 42 19.06 0.23 13.64
N PRO A 43 19.35 0.66 12.42
CA PRO A 43 18.63 0.10 11.26
C PRO A 43 18.87 -1.41 11.15
N ARG A 44 17.77 -2.14 10.92
CA ARG A 44 17.81 -3.59 10.85
C ARG A 44 16.59 -4.02 10.08
N MET A 45 16.70 -5.10 9.30
CA MET A 45 15.49 -5.76 8.83
C MET A 45 14.79 -6.33 10.04
N ALA A 46 13.52 -5.98 10.21
CA ALA A 46 12.79 -6.34 11.43
C ALA A 46 11.48 -7.01 11.10
N PRO A 47 11.03 -7.94 11.95
CA PRO A 47 9.80 -8.67 11.66
C PRO A 47 8.55 -7.85 11.90
N ARG A 48 7.53 -8.10 11.06
CA ARG A 48 6.25 -7.45 11.19
C ARG A 48 5.07 -8.42 11.10
N ALA A 49 5.32 -9.72 11.07
CA ALA A 49 4.27 -10.73 11.09
C ALA A 49 4.74 -11.86 11.99
N PRO A 50 3.80 -12.54 12.66
CA PRO A 50 4.27 -13.56 13.63
C PRO A 50 5.02 -14.72 13.00
N TRP A 51 4.66 -15.10 11.78
CA TRP A 51 5.22 -16.30 11.16
C TRP A 51 6.63 -16.10 10.61
N ILE A 52 7.14 -14.87 10.56
CA ILE A 52 8.54 -14.69 10.12
C ILE A 52 9.48 -14.67 11.32
N GLU A 53 8.95 -14.55 12.53
CA GLU A 53 9.79 -14.38 13.70
C GLU A 53 10.68 -15.59 13.93
N GLN A 54 10.25 -16.76 13.48
CA GLN A 54 11.02 -17.99 13.63
C GLN A 54 12.28 -18.04 12.77
N GLU A 55 12.43 -17.19 11.76
CA GLU A 55 13.68 -17.21 11.01
C GLU A 55 14.86 -16.90 11.93
N GLY A 56 15.98 -17.54 11.66
CA GLY A 56 17.12 -17.49 12.55
C GLY A 56 18.01 -16.28 12.30
N PRO A 57 19.09 -16.19 13.08
CA PRO A 57 19.96 -15.00 12.97
C PRO A 57 20.58 -14.83 11.61
N GLU A 58 20.88 -15.92 10.92
CA GLU A 58 21.46 -15.81 9.59
C GLU A 58 20.50 -15.08 8.66
N TYR A 59 19.21 -15.34 8.80
CA TYR A 59 18.23 -14.64 7.99
C TYR A 59 18.26 -13.16 8.29
N TRP A 60 18.14 -12.78 9.57
CA TRP A 60 18.03 -11.38 9.92
C TRP A 60 19.33 -10.65 9.63
N ASP A 61 20.45 -11.31 9.84
CA ASP A 61 21.72 -10.65 9.57
C ASP A 61 21.91 -10.45 8.08
N GLY A 62 21.57 -11.45 7.26
CA GLY A 62 21.76 -11.33 5.84
C GLY A 62 20.79 -10.34 5.20
N GLU A 63 19.55 -10.32 5.70
CA GLU A 63 18.60 -9.35 5.16
C GLU A 63 18.99 -7.93 5.55
N THR A 64 19.51 -7.74 6.76
CA THR A 64 19.96 -6.43 7.18
C THR A 64 21.15 -5.98 6.35
N ARG A 65 22.10 -6.90 6.11
CA ARG A 65 23.24 -6.57 5.23
C ARG A 65 22.74 -6.14 3.85
N ASN A 66 21.78 -6.87 3.31
CA ASN A 66 21.28 -6.54 1.97
C ASN A 66 20.59 -5.19 1.95
N MET A 67 19.80 -4.89 2.98
CA MET A 67 19.10 -3.60 3.00
C MET A 67 20.07 -2.45 3.14
N LYS A 68 21.12 -2.62 3.94
CA LYS A 68 22.11 -1.57 4.06
C LYS A 68 22.82 -1.33 2.73
N ALA A 69 23.15 -2.41 2.02
CA ALA A 69 23.79 -2.27 0.72
C ALA A 69 22.84 -1.63 -0.28
N SER A 70 21.56 -2.03 -0.26
CA SER A 70 20.57 -1.42 -1.13
C SER A 70 20.44 0.06 -0.86
N ALA A 71 20.44 0.46 0.41
CA ALA A 71 20.30 1.89 0.69
C ALA A 71 21.44 2.68 0.06
N GLN A 72 22.67 2.16 0.16
CA GLN A 72 23.80 2.82 -0.46
C GLN A 72 23.64 2.88 -1.98
N THR A 73 23.19 1.79 -2.59
CA THR A 73 23.00 1.80 -4.03
C THR A 73 21.93 2.80 -4.45
N TYR A 74 20.83 2.88 -3.70
CA TYR A 74 19.76 3.80 -4.10
C TYR A 74 20.12 5.25 -3.81
N ARG A 75 21.01 5.51 -2.85
CA ARG A 75 21.56 6.87 -2.69
C ARG A 75 22.41 7.25 -3.91
N GLU A 76 23.21 6.32 -4.40
CA GLU A 76 23.94 6.53 -5.66
C GLU A 76 22.97 6.74 -6.81
N ASN A 77 21.91 5.92 -6.87
CA ASN A 77 20.97 6.08 -7.98
C ASN A 77 20.31 7.45 -7.97
N LEU A 78 20.03 8.01 -6.79
CA LEU A 78 19.48 9.36 -6.75
C LEU A 78 20.46 10.38 -7.32
N ARG A 79 21.75 10.23 -7.05
CA ARG A 79 22.74 11.15 -7.60
C ARG A 79 22.84 10.99 -9.10
N ILE A 80 22.78 9.75 -9.58
CA ILE A 80 22.85 9.47 -11.02
C ILE A 80 21.65 10.08 -11.73
N ALA A 81 20.45 9.93 -11.16
CA ALA A 81 19.24 10.45 -11.79
C ALA A 81 19.30 11.95 -11.93
N LEU A 82 19.84 12.66 -10.93
CA LEU A 82 20.00 14.10 -11.08
C LEU A 82 20.75 14.44 -12.34
N ARG A 83 21.84 13.72 -12.60
CA ARG A 83 22.62 13.96 -13.80
C ARG A 83 21.77 13.68 -15.03
N TYR A 84 21.12 12.52 -15.07
CA TYR A 84 20.45 12.12 -16.30
C TYR A 84 19.30 13.06 -16.68
N TYR A 85 18.70 13.74 -15.71
CA TYR A 85 17.60 14.68 -15.94
C TYR A 85 18.04 16.15 -15.83
N ASN A 86 19.33 16.41 -15.70
CA ASN A 86 19.89 17.77 -15.69
C ASN A 86 19.31 18.58 -14.55
N GLN A 87 19.19 17.96 -13.38
CA GLN A 87 18.50 18.60 -12.26
C GLN A 87 19.49 19.14 -11.22
N SER A 88 19.02 20.14 -10.48
CA SER A 88 19.82 20.80 -9.46
CA SER A 88 19.87 20.78 -9.48
C SER A 88 19.97 19.91 -8.23
N GLU A 89 21.03 20.15 -7.47
CA GLU A 89 21.20 19.43 -6.22
C GLU A 89 20.33 19.99 -5.12
N ALA A 90 19.51 20.98 -5.41
CA ALA A 90 18.74 21.62 -4.36
C ALA A 90 17.43 20.89 -4.03
N GLY A 91 16.86 20.12 -4.95
CA GLY A 91 15.52 19.61 -4.74
C GLY A 91 15.51 18.20 -4.14
N SER A 92 14.37 17.84 -3.56
CA SER A 92 14.13 16.49 -3.04
CA SER A 92 14.15 16.49 -3.06
C SER A 92 13.53 15.62 -4.14
N HIS A 93 14.05 14.41 -4.29
CA HIS A 93 13.59 13.47 -5.31
C HIS A 93 13.40 12.10 -4.70
N ILE A 94 12.67 11.24 -5.41
CA ILE A 94 12.29 9.93 -4.88
C ILE A 94 12.53 8.86 -5.94
N ILE A 95 13.20 7.77 -5.56
CA ILE A 95 13.20 6.55 -6.36
C ILE A 95 12.33 5.53 -5.64
N GLN A 96 11.48 4.84 -6.38
CA GLN A 96 10.71 3.73 -5.83
C GLN A 96 10.98 2.47 -6.65
N VAL A 97 10.95 1.33 -5.97
CA VAL A 97 11.17 0.04 -6.61
C VAL A 97 10.10 -0.93 -6.13
N MET A 98 9.53 -1.72 -7.03
CA MET A 98 8.68 -2.84 -6.65
CA MET A 98 8.67 -2.84 -6.66
C MET A 98 9.18 -4.09 -7.35
N TYR A 99 9.24 -5.20 -6.62
CA TYR A 99 9.60 -6.45 -7.28
C TYR A 99 9.00 -7.61 -6.52
N GLY A 100 8.90 -8.74 -7.20
CA GLY A 100 8.43 -9.96 -6.56
C GLY A 100 7.85 -10.93 -7.57
N CYS A 101 7.20 -11.95 -7.02
CA CYS A 101 6.72 -13.09 -7.80
C CYS A 101 5.28 -13.43 -7.41
N ASP A 102 4.56 -14.00 -8.37
CA ASP A 102 3.19 -14.45 -8.21
C ASP A 102 3.22 -15.95 -8.46
N VAL A 103 2.54 -16.73 -7.63
CA VAL A 103 2.50 -18.17 -7.79
C VAL A 103 1.05 -18.61 -7.77
N GLY A 104 0.76 -19.71 -8.47
CA GLY A 104 -0.56 -20.28 -8.46
C GLY A 104 -0.81 -21.19 -7.27
N PRO A 105 -2.00 -21.80 -7.24
CA PRO A 105 -2.33 -22.74 -6.13
C PRO A 105 -1.32 -23.85 -5.96
N ASP A 106 -0.70 -24.30 -7.04
CA ASP A 106 0.31 -25.36 -7.02
C ASP A 106 1.68 -24.87 -6.64
N GLY A 107 1.83 -23.59 -6.31
CA GLY A 107 3.14 -23.06 -6.02
C GLY A 107 3.98 -22.76 -7.23
N ARG A 108 3.41 -22.90 -8.44
CA ARG A 108 4.15 -22.65 -9.67
C ARG A 108 4.20 -21.17 -9.98
N LEU A 109 5.34 -20.72 -10.47
CA LEU A 109 5.50 -19.33 -10.88
C LEU A 109 4.47 -18.97 -11.93
N LEU A 110 3.78 -17.88 -11.71
CA LEU A 110 2.88 -17.33 -12.71
C LEU A 110 3.57 -16.21 -13.47
N ARG A 111 4.26 -15.35 -12.73
CA ARG A 111 5.05 -14.32 -13.36
C ARG A 111 5.86 -13.59 -12.32
N GLY A 112 6.93 -12.94 -12.78
CA GLY A 112 7.74 -12.08 -11.96
C GLY A 112 7.58 -10.61 -12.33
N HIS A 113 8.04 -9.75 -11.42
CA HIS A 113 7.95 -8.31 -11.57
C HIS A 113 9.22 -7.66 -11.05
N ASN A 114 9.66 -6.56 -11.70
CA ASN A 114 10.79 -5.77 -11.18
C ASN A 114 10.73 -4.41 -11.90
N GLN A 115 10.18 -3.40 -11.23
CA GLN A 115 9.93 -2.13 -11.87
C GLN A 115 10.42 -0.97 -11.01
N TYR A 116 10.77 0.16 -11.65
CA TYR A 116 11.33 1.31 -10.97
C TYR A 116 10.59 2.58 -11.38
N ALA A 117 10.52 3.56 -10.45
CA ALA A 117 9.95 4.87 -10.72
C ALA A 117 10.88 5.97 -10.20
N TYR A 118 10.85 7.11 -10.87
CA TYR A 118 11.55 8.30 -10.40
C TYR A 118 10.56 9.45 -10.29
N ASP A 119 10.49 10.08 -9.12
CA ASP A 119 9.53 11.13 -8.83
C ASP A 119 8.12 10.74 -9.26
N GLY A 120 7.77 9.49 -8.97
CA GLY A 120 6.42 8.96 -9.09
C GLY A 120 6.02 8.57 -10.49
N LYS A 121 6.92 8.64 -11.45
CA LYS A 121 6.66 8.26 -12.83
C LYS A 121 7.49 7.03 -13.18
N ASP A 122 6.91 6.17 -14.03
N ASP A 122 6.92 6.16 -14.01
CA ASP A 122 7.66 5.05 -14.55
CA ASP A 122 7.67 4.98 -14.42
C ASP A 122 9.06 5.48 -15.00
C ASP A 122 8.99 5.36 -15.07
N TYR A 123 10.04 4.64 -14.66
CA TYR A 123 11.41 4.82 -15.14
C TYR A 123 11.84 3.68 -16.00
N ILE A 124 12.01 2.46 -15.46
CA ILE A 124 12.35 1.28 -16.24
C ILE A 124 11.64 0.09 -15.60
N ALA A 125 11.29 -0.90 -16.44
CA ALA A 125 10.63 -2.11 -15.94
C ALA A 125 11.20 -3.33 -16.65
N LEU A 126 11.40 -4.40 -15.88
CA LEU A 126 11.66 -5.71 -16.48
C LEU A 126 10.40 -6.24 -17.13
N ASN A 127 10.51 -6.67 -18.39
CA ASN A 127 9.34 -7.19 -19.08
C ASN A 127 8.96 -8.57 -18.55
N GLU A 128 7.74 -9.01 -18.88
CA GLU A 128 7.23 -10.29 -18.39
C GLU A 128 8.13 -11.46 -18.79
N ASP A 129 8.88 -11.33 -19.89
CA ASP A 129 9.83 -12.37 -20.27
C ASP A 129 10.99 -12.53 -19.30
N LEU A 130 11.16 -11.59 -18.37
CA LEU A 130 12.28 -11.59 -17.44
C LEU A 130 13.62 -11.54 -18.15
N SER A 131 13.63 -10.97 -19.35
CA SER A 131 14.82 -10.96 -20.18
CA SER A 131 14.83 -10.95 -20.17
C SER A 131 15.08 -9.64 -20.88
N SER A 132 14.09 -8.77 -21.00
CA SER A 132 14.21 -7.52 -21.73
C SER A 132 13.57 -6.42 -20.90
N TRP A 133 13.84 -5.19 -21.29
CA TRP A 133 13.49 -4.01 -20.52
C TRP A 133 12.59 -3.07 -21.33
N THR A 134 11.74 -2.33 -20.62
CA THR A 134 11.03 -1.20 -21.18
C THR A 134 11.46 0.05 -20.42
N ALA A 135 12.09 0.98 -21.13
CA ALA A 135 12.51 2.27 -20.58
C ALA A 135 11.51 3.37 -20.94
N ALA A 136 11.23 4.24 -19.97
CA ALA A 136 10.17 5.22 -20.16
C ALA A 136 10.60 6.44 -20.96
N ASP A 137 11.90 6.72 -20.99
CA ASP A 137 12.40 7.95 -21.57
C ASP A 137 13.90 7.79 -21.84
N THR A 138 14.51 8.84 -22.40
CA THR A 138 15.88 8.65 -22.88
C THR A 138 16.87 8.56 -21.72
N ALA A 139 16.50 9.04 -20.53
CA ALA A 139 17.34 8.84 -19.37
C ALA A 139 17.37 7.38 -18.96
N ALA A 140 16.20 6.77 -18.83
CA ALA A 140 16.15 5.35 -18.46
C ALA A 140 16.76 4.48 -19.54
N GLN A 141 16.78 4.96 -20.79
CA GLN A 141 17.48 4.20 -21.83
C GLN A 141 18.97 4.07 -21.55
N ILE A 142 19.56 5.05 -20.87
CA ILE A 142 20.97 4.92 -20.47
C ILE A 142 21.11 3.79 -19.46
N THR A 143 20.22 3.73 -18.47
CA THR A 143 20.25 2.61 -17.54
C THR A 143 20.02 1.30 -18.27
N GLN A 144 19.05 1.27 -19.20
CA GLN A 144 18.79 0.05 -19.96
C GLN A 144 20.04 -0.45 -20.64
N ARG A 145 20.76 0.46 -21.33
CA ARG A 145 21.96 0.05 -22.02
C ARG A 145 23.00 -0.51 -21.05
N LYS A 146 23.14 0.13 -19.88
CA LYS A 146 24.08 -0.37 -18.89
CA LYS A 146 24.07 -0.37 -18.87
C LYS A 146 23.66 -1.73 -18.35
N TRP A 147 22.38 -1.93 -18.12
CA TRP A 147 21.89 -3.18 -17.58
C TRP A 147 21.91 -4.29 -18.62
N GLU A 148 21.72 -3.95 -19.90
CA GLU A 148 21.90 -4.94 -20.94
C GLU A 148 23.36 -5.38 -21.02
N ALA A 149 24.27 -4.43 -20.89
CA ALA A 149 25.69 -4.77 -20.98
C ALA A 149 26.11 -5.68 -19.84
N ALA A 150 25.56 -5.46 -18.65
CA ALA A 150 25.92 -6.21 -17.46
C ALA A 150 25.03 -7.44 -17.21
N ARG A 151 24.11 -7.75 -18.13
CA ARG A 151 23.23 -8.92 -18.01
C ARG A 151 22.52 -8.96 -16.65
N VAL A 152 22.03 -7.79 -16.24
CA VAL A 152 21.25 -7.66 -15.01
C VAL A 152 19.98 -8.49 -15.08
N ALA A 153 19.30 -8.49 -16.22
CA ALA A 153 18.03 -9.23 -16.32
C ALA A 153 18.20 -10.70 -16.00
N GLU A 154 19.33 -11.29 -16.41
CA GLU A 154 19.60 -12.69 -16.09
C GLU A 154 19.71 -12.91 -14.59
N GLN A 155 20.30 -11.96 -13.86
CA GLN A 155 20.40 -12.09 -12.41
CA GLN A 155 20.40 -12.09 -12.41
C GLN A 155 19.03 -11.98 -11.76
N LEU A 156 18.21 -11.01 -12.19
CA LEU A 156 16.86 -10.87 -11.67
C LEU A 156 15.99 -12.08 -12.00
N ARG A 157 16.07 -12.57 -13.25
CA ARG A 157 15.32 -13.76 -13.59
C ARG A 157 15.68 -14.91 -12.67
N ALA A 158 16.96 -15.10 -12.41
CA ALA A 158 17.34 -16.22 -11.56
C ALA A 158 16.75 -16.07 -10.15
N TYR A 159 16.73 -14.85 -9.62
CA TYR A 159 16.13 -14.61 -8.31
C TYR A 159 14.62 -14.83 -8.36
N LEU A 160 13.94 -14.28 -9.36
CA LEU A 160 12.49 -14.31 -9.39
C LEU A 160 11.95 -15.73 -9.58
N GLU A 161 12.64 -16.54 -10.38
CA GLU A 161 12.18 -17.92 -10.63
C GLU A 161 12.66 -18.88 -9.57
N GLY A 162 13.62 -18.46 -8.75
CA GLY A 162 14.25 -19.35 -7.80
C GLY A 162 13.92 -18.96 -6.37
N LEU A 163 14.84 -18.22 -5.74
CA LEU A 163 14.68 -17.86 -4.33
C LEU A 163 13.36 -17.16 -4.06
N CYS A 164 12.89 -16.29 -4.95
CA CYS A 164 11.61 -15.61 -4.71
C CYS A 164 10.48 -16.62 -4.51
N VAL A 165 10.34 -17.56 -5.45
CA VAL A 165 9.26 -18.53 -5.34
CA VAL A 165 9.28 -18.57 -5.38
C VAL A 165 9.51 -19.49 -4.19
N GLU A 166 10.75 -19.91 -3.99
CA GLU A 166 11.03 -20.88 -2.92
C GLU A 166 10.72 -20.29 -1.55
N TRP A 167 11.11 -19.03 -1.33
CA TRP A 167 10.83 -18.44 -0.03
C TRP A 167 9.36 -18.06 0.11
N LEU A 168 8.70 -17.62 -0.97
CA LEU A 168 7.26 -17.39 -0.87
C LEU A 168 6.55 -18.67 -0.44
N ARG A 169 6.89 -19.81 -1.05
CA ARG A 169 6.28 -21.09 -0.67
CA ARG A 169 6.27 -21.07 -0.67
C ARG A 169 6.52 -21.40 0.80
N ARG A 170 7.74 -21.17 1.27
CA ARG A 170 8.07 -21.37 2.69
C ARG A 170 7.22 -20.50 3.60
N TYR A 171 7.10 -19.21 3.29
CA TYR A 171 6.29 -18.32 4.12
C TYR A 171 4.82 -18.74 4.11
N LEU A 172 4.31 -19.18 2.95
CA LEU A 172 2.91 -19.58 2.90
C LEU A 172 2.63 -20.79 3.79
N GLU A 173 3.59 -21.71 3.86
CA GLU A 173 3.43 -22.87 4.74
C GLU A 173 3.57 -22.46 6.20
N ASN A 174 4.60 -21.67 6.52
CA ASN A 174 4.81 -21.27 7.90
C ASN A 174 3.67 -20.38 8.41
N GLY A 175 3.10 -19.55 7.54
CA GLY A 175 1.99 -18.69 7.88
C GLY A 175 0.63 -19.17 7.42
N LYS A 176 0.46 -20.48 7.19
CA LYS A 176 -0.76 -20.97 6.56
C LYS A 176 -2.00 -20.62 7.38
N GLU A 177 -1.88 -20.53 8.71
CA GLU A 177 -3.05 -20.24 9.51
C GLU A 177 -3.70 -18.92 9.11
N THR A 178 -2.91 -17.93 8.69
CA THR A 178 -3.40 -16.61 8.32
C THR A 178 -3.29 -16.33 6.83
N LEU A 179 -2.14 -16.63 6.26
CA LEU A 179 -1.95 -16.33 4.85
C LEU A 179 -2.86 -17.15 3.97
N GLN A 180 -3.28 -18.34 4.41
CA GLN A 180 -4.12 -19.21 3.61
C GLN A 180 -5.54 -19.29 4.16
N ARG A 181 -5.96 -18.26 4.89
CA ARG A 181 -7.32 -18.12 5.40
C ARG A 181 -7.91 -16.85 4.82
N ALA A 182 -9.02 -16.97 4.09
CA ALA A 182 -9.81 -15.84 3.67
C ALA A 182 -10.89 -15.58 4.72
N ASP A 183 -10.99 -14.34 5.16
CA ASP A 183 -12.02 -13.91 6.09
C ASP A 183 -13.10 -13.20 5.28
N PRO A 184 -14.33 -13.72 5.22
CA PRO A 184 -15.34 -13.09 4.36
C PRO A 184 -15.82 -11.78 4.95
N PRO A 185 -16.34 -10.88 4.12
CA PRO A 185 -16.85 -9.62 4.64
C PRO A 185 -18.12 -9.85 5.45
N LYS A 186 -18.22 -9.09 6.54
CA LYS A 186 -19.46 -8.86 7.26
C LYS A 186 -20.20 -7.69 6.63
N THR A 187 -21.44 -7.91 6.20
CA THR A 187 -22.11 -6.92 5.37
C THR A 187 -23.42 -6.43 5.98
N HIS A 188 -23.77 -5.18 5.64
CA HIS A 188 -25.07 -4.64 6.00
C HIS A 188 -25.32 -3.41 5.12
N VAL A 189 -26.59 -3.03 5.06
CA VAL A 189 -27.02 -1.85 4.31
C VAL A 189 -27.62 -0.85 5.27
N THR A 190 -27.15 0.39 5.19
CA THR A 190 -27.72 1.49 5.97
C THR A 190 -28.52 2.41 5.05
N HIS A 191 -29.42 3.18 5.67
CA HIS A 191 -30.35 4.05 4.96
C HIS A 191 -30.38 5.38 5.72
N HIS A 192 -30.17 6.46 5.01
CA HIS A 192 -30.24 7.80 5.60
C HIS A 192 -30.97 8.76 4.67
N PRO A 193 -32.13 9.29 5.04
CA PRO A 193 -32.74 10.32 4.21
C PRO A 193 -31.81 11.53 4.07
N ILE A 194 -31.81 12.12 2.87
CA ILE A 194 -31.08 13.35 2.57
CA ILE A 194 -31.09 13.39 2.69
C ILE A 194 -32.03 14.55 2.47
N SER A 195 -33.28 14.31 2.19
CA SER A 195 -34.29 15.32 1.93
C SER A 195 -35.60 14.57 1.90
N ASP A 196 -36.68 15.31 1.69
CA ASP A 196 -37.96 14.64 1.55
C ASP A 196 -38.01 13.73 0.34
N HIS A 197 -37.14 13.95 -0.63
CA HIS A 197 -37.22 13.37 -1.97
C HIS A 197 -36.22 12.24 -2.19
N GLU A 198 -35.17 12.14 -1.38
CA GLU A 198 -34.06 11.24 -1.67
C GLU A 198 -33.48 10.69 -0.37
N ALA A 199 -32.84 9.53 -0.49
CA ALA A 199 -32.14 8.93 0.62
C ALA A 199 -30.89 8.23 0.10
N THR A 200 -29.92 8.08 0.99
CA THR A 200 -28.69 7.35 0.69
C THR A 200 -28.81 5.92 1.18
N LEU A 201 -28.49 4.98 0.30
CA LEU A 201 -28.29 3.59 0.68
C LEU A 201 -26.79 3.32 0.65
N ARG A 202 -26.25 2.79 1.75
CA ARG A 202 -24.82 2.53 1.81
C ARG A 202 -24.61 1.07 2.13
N CYS A 203 -23.88 0.39 1.27
CA CYS A 203 -23.57 -1.02 1.40
C CYS A 203 -22.18 -1.18 1.99
N TRP A 204 -22.09 -1.84 3.14
CA TRP A 204 -20.87 -1.96 3.93
C TRP A 204 -20.31 -3.37 3.85
N ALA A 205 -18.98 -3.47 3.75
CA ALA A 205 -18.21 -4.70 3.90
C ALA A 205 -17.12 -4.45 4.93
N LEU A 206 -17.07 -5.25 5.97
CA LEU A 206 -16.14 -5.07 7.09
C LEU A 206 -15.48 -6.39 7.43
N GLY A 207 -14.25 -6.34 7.93
CA GLY A 207 -13.62 -7.52 8.48
C GLY A 207 -13.10 -8.55 7.49
N PHE A 208 -12.85 -8.17 6.25
CA PHE A 208 -12.49 -9.15 5.25
C PHE A 208 -10.99 -9.14 4.97
N TYR A 209 -10.50 -10.28 4.46
CA TYR A 209 -9.10 -10.50 4.12
C TYR A 209 -9.13 -11.58 3.06
N PRO A 210 -8.45 -11.41 1.93
CA PRO A 210 -7.60 -10.31 1.50
C PRO A 210 -8.41 -9.09 1.11
N ALA A 211 -7.68 -8.06 0.67
CA ALA A 211 -8.34 -6.77 0.41
C ALA A 211 -9.21 -6.79 -0.84
N GLU A 212 -8.89 -7.63 -1.83
CA GLU A 212 -9.64 -7.63 -3.09
C GLU A 212 -11.11 -7.93 -2.80
N ILE A 213 -12.00 -7.05 -3.29
CA ILE A 213 -13.43 -7.22 -3.11
C ILE A 213 -14.11 -6.46 -4.24
N THR A 214 -15.32 -6.88 -4.58
CA THR A 214 -16.17 -6.09 -5.47
C THR A 214 -17.49 -5.81 -4.75
N LEU A 215 -17.85 -4.54 -4.68
CA LEU A 215 -19.12 -4.08 -4.16
C LEU A 215 -19.80 -3.26 -5.25
N THR A 216 -21.02 -3.65 -5.61
CA THR A 216 -21.73 -2.97 -6.67
C THR A 216 -23.18 -2.77 -6.24
N TRP A 217 -23.78 -1.69 -6.72
CA TRP A 217 -25.21 -1.46 -6.60
C TRP A 217 -25.87 -1.66 -7.96
N GLN A 218 -27.01 -2.34 -7.96
CA GLN A 218 -27.85 -2.45 -9.14
C GLN A 218 -29.20 -1.80 -8.87
N ARG A 219 -29.79 -1.22 -9.91
CA ARG A 219 -31.17 -0.72 -9.89
C ARG A 219 -31.93 -1.54 -10.93
N ASP A 220 -32.99 -2.22 -10.50
CA ASP A 220 -33.74 -3.09 -11.40
C ASP A 220 -32.79 -4.01 -12.16
N GLY A 221 -31.76 -4.49 -11.47
CA GLY A 221 -30.85 -5.46 -12.04
C GLY A 221 -29.79 -4.91 -12.95
N GLU A 222 -29.65 -3.60 -13.06
CA GLU A 222 -28.65 -2.98 -13.92
C GLU A 222 -27.62 -2.26 -13.07
N ASP A 223 -26.34 -2.50 -13.35
CA ASP A 223 -25.28 -1.87 -12.57
C ASP A 223 -25.37 -0.35 -12.65
N GLN A 224 -25.12 0.29 -11.52
CA GLN A 224 -25.19 1.74 -11.37
C GLN A 224 -23.82 2.37 -11.21
N THR A 225 -22.88 2.05 -12.09
CA THR A 225 -21.49 2.43 -11.86
C THR A 225 -21.33 3.94 -11.74
N GLN A 226 -21.92 4.70 -12.68
CA GLN A 226 -21.71 6.14 -12.67
C GLN A 226 -22.37 6.82 -11.48
N ASP A 227 -23.41 6.22 -10.90
CA ASP A 227 -24.10 6.86 -9.78
C ASP A 227 -23.68 6.31 -8.42
N THR A 228 -22.74 5.38 -8.38
CA THR A 228 -22.29 4.80 -7.11
C THR A 228 -21.04 5.54 -6.64
N GLU A 229 -21.04 5.96 -5.37
CA GLU A 229 -19.86 6.49 -4.71
C GLU A 229 -19.15 5.31 -4.04
N LEU A 230 -17.92 5.04 -4.44
CA LEU A 230 -17.12 3.93 -3.94
C LEU A 230 -15.93 4.52 -3.19
N VAL A 231 -15.71 4.11 -1.95
CA VAL A 231 -14.51 4.56 -1.24
C VAL A 231 -13.41 3.53 -1.50
N GLU A 232 -12.16 3.97 -1.44
CA GLU A 232 -11.05 3.04 -1.53
C GLU A 232 -11.10 2.05 -0.37
N THR A 233 -10.78 0.80 -0.68
CA THR A 233 -10.61 -0.21 0.36
C THR A 233 -9.54 0.25 1.33
N ARG A 234 -9.82 0.08 2.61
CA ARG A 234 -9.03 0.68 3.67
C ARG A 234 -8.73 -0.32 4.76
N PRO A 235 -7.54 -0.26 5.36
CA PRO A 235 -7.17 -1.19 6.41
C PRO A 235 -7.80 -0.85 7.75
N ALA A 236 -8.26 -1.89 8.45
CA ALA A 236 -8.83 -1.67 9.77
C ALA A 236 -7.77 -1.61 10.87
N GLY A 237 -6.59 -2.17 10.63
CA GLY A 237 -5.53 -2.23 11.61
C GLY A 237 -5.41 -3.56 12.33
N ASP A 238 -6.32 -4.50 12.10
CA ASP A 238 -6.30 -5.85 12.70
C ASP A 238 -6.11 -6.93 11.64
N ARG A 239 -5.51 -6.54 10.51
CA ARG A 239 -5.18 -7.35 9.33
C ARG A 239 -6.30 -7.22 8.30
N THR A 240 -7.51 -6.86 8.73
CA THR A 240 -8.64 -6.90 7.82
C THR A 240 -8.85 -5.55 7.15
N PHE A 241 -9.78 -5.53 6.19
CA PHE A 241 -10.07 -4.37 5.36
C PHE A 241 -11.55 -4.06 5.43
N GLN A 242 -11.88 -2.85 4.96
CA GLN A 242 -13.24 -2.31 4.95
C GLN A 242 -13.48 -1.59 3.64
N LYS A 243 -14.74 -1.55 3.23
CA LYS A 243 -15.11 -0.83 2.02
C LYS A 243 -16.61 -0.54 2.11
N TRP A 244 -17.05 0.57 1.49
CA TRP A 244 -18.48 0.79 1.29
C TRP A 244 -18.76 1.39 -0.08
N ALA A 245 -20.03 1.24 -0.50
CA ALA A 245 -20.54 1.74 -1.77
C ALA A 245 -21.90 2.38 -1.47
N ALA A 246 -22.12 3.60 -1.97
CA ALA A 246 -23.38 4.28 -1.71
C ALA A 246 -24.04 4.77 -2.99
N VAL A 247 -25.38 4.82 -2.96
CA VAL A 247 -26.16 5.37 -4.07
C VAL A 247 -27.23 6.26 -3.44
N VAL A 248 -27.58 7.30 -4.17
CA VAL A 248 -28.66 8.18 -3.79
C VAL A 248 -29.89 7.76 -4.58
N VAL A 249 -30.98 7.51 -3.87
CA VAL A 249 -32.15 6.92 -4.48
C VAL A 249 -33.40 7.76 -4.21
N PRO A 250 -34.37 7.71 -5.11
CA PRO A 250 -35.65 8.39 -4.85
C PRO A 250 -36.39 7.73 -3.71
N SER A 251 -36.96 8.57 -2.84
CA SER A 251 -37.73 8.08 -1.70
CA SER A 251 -37.73 8.07 -1.71
C SER A 251 -38.81 7.13 -2.19
N GLY A 252 -38.90 5.97 -1.55
CA GLY A 252 -39.87 4.96 -1.92
C GLY A 252 -39.40 3.95 -2.93
N GLU A 253 -38.28 4.20 -3.59
CA GLU A 253 -37.76 3.28 -4.61
C GLU A 253 -36.66 2.35 -4.06
N GLU A 254 -36.46 2.34 -2.74
CA GLU A 254 -35.34 1.61 -2.14
C GLU A 254 -35.31 0.15 -2.52
N GLN A 255 -36.45 -0.51 -2.64
CA GLN A 255 -36.40 -1.94 -2.92
C GLN A 255 -36.05 -2.27 -4.37
N ARG A 256 -35.93 -1.27 -5.26
CA ARG A 256 -35.40 -1.49 -6.60
C ARG A 256 -33.88 -1.67 -6.61
N TYR A 257 -33.24 -1.44 -5.49
CA TYR A 257 -31.79 -1.44 -5.42
C TYR A 257 -31.29 -2.65 -4.66
N THR A 258 -30.26 -3.30 -5.21
CA THR A 258 -29.62 -4.45 -4.59
C THR A 258 -28.12 -4.22 -4.59
N CYS A 259 -27.47 -4.56 -3.47
CA CYS A 259 -26.03 -4.53 -3.34
C CYS A 259 -25.47 -5.92 -3.56
N HIS A 260 -24.40 -6.02 -4.35
CA HIS A 260 -23.79 -7.30 -4.70
C HIS A 260 -22.35 -7.29 -4.24
N VAL A 261 -21.96 -8.34 -3.54
CA VAL A 261 -20.65 -8.47 -2.91
C VAL A 261 -19.99 -9.73 -3.43
N GLN A 262 -18.79 -9.59 -3.99
CA GLN A 262 -17.93 -10.71 -4.36
C GLN A 262 -16.64 -10.62 -3.56
N HIS A 263 -16.26 -11.75 -2.94
CA HIS A 263 -15.05 -11.85 -2.16
C HIS A 263 -14.61 -13.32 -2.14
N GLU A 264 -13.29 -13.56 -2.15
CA GLU A 264 -12.75 -14.92 -2.17
C GLU A 264 -13.27 -15.77 -1.02
N GLY A 265 -13.57 -15.14 0.10
CA GLY A 265 -14.07 -15.83 1.27
C GLY A 265 -15.53 -16.26 1.20
N LEU A 266 -16.26 -15.78 0.18
CA LEU A 266 -17.65 -16.15 0.00
C LEU A 266 -17.76 -17.28 -0.98
N PRO A 267 -18.43 -18.37 -0.60
CA PRO A 267 -18.68 -19.43 -1.60
C PRO A 267 -19.53 -18.94 -2.76
N LYS A 268 -20.49 -18.05 -2.50
CA LYS A 268 -21.42 -17.52 -3.47
C LYS A 268 -21.46 -16.00 -3.31
N PRO A 269 -21.48 -15.25 -4.41
CA PRO A 269 -21.73 -13.81 -4.29
C PRO A 269 -22.98 -13.54 -3.45
N LEU A 270 -22.93 -12.47 -2.66
CA LEU A 270 -24.04 -12.06 -1.82
C LEU A 270 -24.86 -10.99 -2.54
N THR A 271 -26.17 -11.04 -2.34
CA THR A 271 -27.10 -9.99 -2.73
C THR A 271 -27.76 -9.47 -1.46
N LEU A 272 -27.69 -8.15 -1.24
CA LEU A 272 -28.27 -7.54 -0.06
C LEU A 272 -29.20 -6.39 -0.44
N ARG A 273 -30.22 -6.18 0.38
CA ARG A 273 -31.11 -5.05 0.21
C ARG A 273 -31.25 -4.36 1.55
N TRP A 274 -31.74 -3.13 1.50
CA TRP A 274 -32.10 -2.45 2.73
C TRP A 274 -33.26 -3.18 3.40
N GLU A 275 -33.11 -3.46 4.69
CA GLU A 275 -34.14 -4.14 5.48
C GLU A 275 -34.64 -3.18 6.55
N PRO A 276 -35.74 -2.46 6.30
CA PRO A 276 -36.31 -1.55 7.30
C PRO A 276 -37.08 -2.31 8.38
N MET B 1 7.63 19.27 -11.44
CA MET B 1 7.38 17.95 -10.79
C MET B 1 5.88 17.72 -10.64
N ILE B 2 5.44 16.49 -10.86
CA ILE B 2 4.04 16.13 -10.73
C ILE B 2 3.79 15.64 -9.32
N GLN B 3 2.75 16.19 -8.69
CA GLN B 3 2.44 15.89 -7.30
C GLN B 3 0.98 15.47 -7.22
N ARG B 4 0.67 14.63 -6.25
CA ARG B 4 -0.67 14.10 -6.09
C ARG B 4 -1.13 14.35 -4.66
N THR B 5 -2.36 14.87 -4.51
CA THR B 5 -2.88 15.25 -3.20
C THR B 5 -3.49 14.04 -2.49
N PRO B 6 -3.41 13.97 -1.15
CA PRO B 6 -3.90 12.78 -0.44
C PRO B 6 -5.42 12.67 -0.43
N LYS B 7 -5.90 11.45 -0.60
CA LYS B 7 -7.24 11.04 -0.18
C LYS B 7 -7.16 10.78 1.32
N ILE B 8 -8.26 11.07 2.02
CA ILE B 8 -8.30 10.97 3.48
C ILE B 8 -9.58 10.24 3.87
N GLN B 9 -9.45 9.22 4.73
CA GLN B 9 -10.63 8.60 5.34
C GLN B 9 -10.40 8.51 6.85
N VAL B 10 -11.42 8.86 7.64
CA VAL B 10 -11.37 8.79 9.09
CA VAL B 10 -11.36 8.78 9.09
C VAL B 10 -12.45 7.83 9.55
N TYR B 11 -12.09 6.85 10.38
CA TYR B 11 -13.02 5.75 10.67
C TYR B 11 -12.50 4.94 11.84
N SER B 12 -13.36 4.06 12.38
CA SER B 12 -12.95 3.22 13.49
C SER B 12 -12.68 1.79 13.05
N ARG B 13 -11.85 1.11 13.84
CA ARG B 13 -11.49 -0.27 13.53
C ARG B 13 -12.70 -1.19 13.63
N HIS B 14 -13.49 -1.03 14.68
CA HIS B 14 -14.72 -1.75 14.90
C HIS B 14 -15.89 -0.78 14.91
N PRO B 15 -17.11 -1.26 14.65
CA PRO B 15 -18.28 -0.38 14.74
C PRO B 15 -18.29 0.30 16.12
N ALA B 16 -18.54 1.61 16.11
CA ALA B 16 -18.39 2.39 17.35
C ALA B 16 -19.52 2.06 18.32
N GLU B 17 -19.18 1.95 19.60
CA GLU B 17 -20.15 1.79 20.67
C GLU B 17 -19.65 2.63 21.84
N ASN B 18 -20.46 3.60 22.25
CA ASN B 18 -20.02 4.50 23.31
C ASN B 18 -19.62 3.72 24.55
N GLY B 19 -18.46 4.07 25.11
CA GLY B 19 -17.93 3.44 26.28
C GLY B 19 -17.07 2.21 26.03
N LYS B 20 -16.97 1.74 24.80
CA LYS B 20 -16.18 0.54 24.49
C LYS B 20 -14.94 0.94 23.70
N SER B 21 -13.79 0.49 24.18
CA SER B 21 -12.51 0.84 23.58
C SER B 21 -12.47 0.37 22.13
N ASN B 22 -11.71 1.09 21.31
CA ASN B 22 -11.74 0.95 19.87
C ASN B 22 -10.45 1.58 19.36
N PHE B 23 -10.29 1.64 18.04
CA PHE B 23 -9.18 2.36 17.42
C PHE B 23 -9.75 3.36 16.43
N LEU B 24 -9.23 4.58 16.50
CA LEU B 24 -9.52 5.65 15.57
C LEU B 24 -8.44 5.66 14.50
N ASN B 25 -8.85 5.58 13.24
CA ASN B 25 -7.93 5.47 12.11
C ASN B 25 -8.06 6.68 11.20
N CYS B 26 -6.92 7.13 10.66
CA CYS B 26 -6.87 8.10 9.58
C CYS B 26 -6.01 7.46 8.49
N TYR B 27 -6.63 7.10 7.38
CA TYR B 27 -5.96 6.48 6.24
C TYR B 27 -5.75 7.56 5.17
N VAL B 28 -4.50 7.86 4.86
CA VAL B 28 -4.13 8.79 3.79
C VAL B 28 -3.52 7.99 2.66
N SER B 29 -3.92 8.30 1.44
CA SER B 29 -3.54 7.45 0.31
C SER B 29 -3.53 8.28 -0.97
N GLY B 30 -2.89 7.74 -2.00
CA GLY B 30 -2.88 8.40 -3.29
C GLY B 30 -2.02 9.64 -3.42
N PHE B 31 -1.09 9.90 -2.49
CA PHE B 31 -0.32 11.13 -2.52
C PHE B 31 1.11 10.88 -3.01
N HIS B 32 1.74 11.95 -3.50
CA HIS B 32 3.12 11.96 -3.96
C HIS B 32 3.54 13.41 -3.93
N PRO B 33 4.67 13.77 -3.30
CA PRO B 33 5.69 12.95 -2.67
C PRO B 33 5.24 12.43 -1.31
N SER B 34 6.15 11.75 -0.63
CA SER B 34 5.77 11.00 0.54
C SER B 34 5.66 11.83 1.81
N ASP B 35 6.35 12.97 1.91
CA ASP B 35 6.25 13.75 3.13
C ASP B 35 4.82 14.19 3.37
N ILE B 36 4.34 13.97 4.59
CA ILE B 36 2.96 14.26 4.92
C ILE B 36 2.88 14.43 6.43
N GLU B 37 2.02 15.33 6.88
CA GLU B 37 1.81 15.59 8.30
CA GLU B 37 1.81 15.62 8.29
C GLU B 37 0.38 15.23 8.63
N VAL B 38 0.21 14.29 9.57
CA VAL B 38 -1.12 13.80 9.95
C VAL B 38 -1.24 13.90 11.47
N ASP B 39 -2.29 14.56 11.94
CA ASP B 39 -2.65 14.61 13.34
C ASP B 39 -4.05 14.02 13.55
N LEU B 40 -4.26 13.28 14.64
CA LEU B 40 -5.60 12.87 15.06
C LEU B 40 -6.03 13.84 16.15
N LEU B 41 -7.27 14.34 16.05
CA LEU B 41 -7.77 15.39 16.94
C LEU B 41 -8.91 14.86 17.82
N LYS B 42 -8.90 15.23 19.09
CA LYS B 42 -10.01 14.99 20.02
C LYS B 42 -10.50 16.36 20.47
N ASN B 43 -11.75 16.68 20.16
CA ASN B 43 -12.32 18.00 20.45
C ASN B 43 -11.34 19.11 20.06
N GLY B 44 -10.80 18.97 18.85
CA GLY B 44 -9.95 19.96 18.22
C GLY B 44 -8.50 19.93 18.63
N GLU B 45 -8.12 19.13 19.61
CA GLU B 45 -6.76 19.14 20.14
C GLU B 45 -6.02 17.89 19.69
N ARG B 46 -4.71 18.02 19.53
CA ARG B 46 -3.90 16.92 19.00
C ARG B 46 -3.77 15.78 20.01
N ILE B 47 -4.07 14.56 19.57
CA ILE B 47 -3.85 13.38 20.39
C ILE B 47 -2.36 13.02 20.39
N GLU B 48 -1.80 12.72 21.55
CA GLU B 48 -0.39 12.38 21.65
C GLU B 48 -0.12 10.91 21.32
N LYS B 49 1.07 10.66 20.79
CA LYS B 49 1.61 9.29 20.64
C LYS B 49 0.77 8.44 19.70
N VAL B 50 0.22 9.07 18.67
CA VAL B 50 -0.40 8.37 17.55
C VAL B 50 0.67 7.57 16.81
N GLU B 51 0.33 6.34 16.41
CA GLU B 51 1.27 5.48 15.68
C GLU B 51 0.88 5.45 14.22
N HIS B 52 1.81 5.01 13.37
CA HIS B 52 1.45 4.87 11.97
C HIS B 52 2.15 3.67 11.34
N SER B 53 1.63 3.27 10.21
CA SER B 53 2.19 2.17 9.46
C SER B 53 3.49 2.59 8.76
N ASP B 54 4.22 1.57 8.30
CA ASP B 54 5.42 1.75 7.50
C ASP B 54 5.06 2.21 6.10
N LEU B 55 5.78 3.20 5.62
CA LEU B 55 5.55 3.76 4.28
C LEU B 55 5.55 2.69 3.22
N SER B 56 4.47 2.65 2.44
CA SER B 56 4.37 1.77 1.30
CA SER B 56 4.31 1.74 1.33
C SER B 56 3.63 2.49 0.20
N PHE B 57 3.44 1.81 -0.93
CA PHE B 57 2.80 2.47 -2.04
C PHE B 57 2.06 1.48 -2.92
N SER B 58 1.19 2.07 -3.74
CA SER B 58 0.30 1.37 -4.66
C SER B 58 0.96 1.17 -6.01
N LYS B 59 0.27 0.43 -6.87
CA LYS B 59 0.81 0.10 -8.18
C LYS B 59 1.05 1.34 -9.02
N ASP B 60 0.31 2.43 -8.79
CA ASP B 60 0.57 3.68 -9.51
C ASP B 60 1.63 4.55 -8.84
N TRP B 61 2.35 4.00 -7.85
CA TRP B 61 3.45 4.62 -7.15
C TRP B 61 3.00 5.63 -6.10
N SER B 62 1.70 5.87 -5.94
CA SER B 62 1.28 6.80 -4.91
C SER B 62 1.33 6.12 -3.55
N PHE B 63 1.65 6.93 -2.55
CA PHE B 63 1.92 6.42 -1.20
C PHE B 63 0.64 6.28 -0.40
N TYR B 64 0.70 5.44 0.63
CA TYR B 64 -0.39 5.33 1.61
C TYR B 64 0.19 5.08 3.00
N LEU B 65 -0.52 5.58 4.01
CA LEU B 65 -0.15 5.42 5.42
C LEU B 65 -1.43 5.35 6.24
N LEU B 66 -1.40 4.56 7.31
CA LEU B 66 -2.48 4.51 8.30
C LEU B 66 -1.97 5.08 9.62
N TYR B 67 -2.64 6.12 10.12
CA TYR B 67 -2.40 6.69 11.45
C TYR B 67 -3.50 6.19 12.36
N TYR B 68 -3.13 5.79 13.58
CA TYR B 68 -4.14 5.15 14.43
C TYR B 68 -3.80 5.37 15.90
N THR B 69 -4.86 5.33 16.71
CA THR B 69 -4.72 5.46 18.15
C THR B 69 -5.89 4.76 18.83
N GLU B 70 -5.63 4.21 20.02
CA GLU B 70 -6.70 3.67 20.87
C GLU B 70 -7.57 4.82 21.36
N PHE B 71 -8.88 4.63 21.30
CA PHE B 71 -9.80 5.62 21.86
C PHE B 71 -11.06 4.92 22.34
N THR B 72 -11.72 5.53 23.31
CA THR B 72 -13.02 5.04 23.77
C THR B 72 -14.05 6.09 23.39
N PRO B 73 -14.85 5.87 22.35
CA PRO B 73 -15.77 6.92 21.92
C PRO B 73 -16.86 7.15 22.95
N THR B 74 -17.38 8.38 22.95
CA THR B 74 -18.50 8.79 23.78
C THR B 74 -19.48 9.57 22.91
N GLU B 75 -20.60 9.99 23.51
CA GLU B 75 -21.55 10.79 22.74
C GLU B 75 -21.03 12.20 22.49
N LYS B 76 -20.34 12.77 23.47
CA LYS B 76 -20.01 14.20 23.39
C LYS B 76 -18.72 14.46 22.63
N ASP B 77 -17.80 13.51 22.59
CA ASP B 77 -16.47 13.78 22.05
C ASP B 77 -16.49 13.75 20.53
N GLU B 78 -15.78 14.70 19.93
CA GLU B 78 -15.70 14.83 18.48
C GLU B 78 -14.28 14.53 18.07
N TYR B 79 -14.12 13.72 17.03
CA TYR B 79 -12.82 13.30 16.56
C TYR B 79 -12.66 13.71 15.11
N ALA B 80 -11.40 13.92 14.71
CA ALA B 80 -11.09 14.34 13.36
C ALA B 80 -9.64 13.99 13.03
N CYS B 81 -9.33 14.06 11.74
CA CYS B 81 -7.98 13.92 11.20
C CYS B 81 -7.60 15.20 10.48
N ARG B 82 -6.41 15.71 10.76
CA ARG B 82 -5.89 16.93 10.14
C ARG B 82 -4.65 16.58 9.34
N VAL B 83 -4.65 16.91 8.05
CA VAL B 83 -3.61 16.48 7.10
C VAL B 83 -3.01 17.69 6.41
N ASN B 84 -1.69 17.73 6.34
CA ASN B 84 -1.01 18.71 5.49
C ASN B 84 -0.05 17.99 4.57
N HIS B 85 0.12 18.55 3.37
CA HIS B 85 0.89 17.98 2.28
C HIS B 85 1.26 19.16 1.40
N VAL B 86 2.34 19.01 0.65
CA VAL B 86 2.80 20.11 -0.18
C VAL B 86 1.72 20.55 -1.18
N THR B 87 0.84 19.65 -1.59
CA THR B 87 -0.25 19.98 -2.50
C THR B 87 -1.36 20.81 -1.85
N LEU B 88 -1.35 20.98 -0.54
CA LEU B 88 -2.44 21.63 0.18
C LEU B 88 -2.01 23.01 0.66
N SER B 89 -2.81 24.04 0.36
CA SER B 89 -2.50 25.39 0.81
C SER B 89 -2.61 25.49 2.33
N GLN B 90 -3.61 24.83 2.89
CA GLN B 90 -3.90 24.85 4.32
C GLN B 90 -4.15 23.41 4.75
N PRO B 91 -3.92 23.08 6.02
CA PRO B 91 -4.29 21.74 6.48
C PRO B 91 -5.75 21.43 6.18
N LYS B 92 -6.02 20.18 5.84
CA LYS B 92 -7.37 19.68 5.57
C LYS B 92 -7.85 18.89 6.78
N ILE B 93 -9.04 19.21 7.28
CA ILE B 93 -9.59 18.52 8.45
C ILE B 93 -10.79 17.71 7.99
N VAL B 94 -10.78 16.40 8.29
CA VAL B 94 -11.87 15.50 7.98
C VAL B 94 -12.42 15.01 9.31
N LYS B 95 -13.71 15.26 9.56
CA LYS B 95 -14.33 14.86 10.81
C LYS B 95 -14.70 13.37 10.78
N TRP B 96 -14.59 12.72 11.93
CA TRP B 96 -15.09 11.36 12.07
C TRP B 96 -16.61 11.33 12.15
N ASP B 97 -17.22 10.55 11.28
CA ASP B 97 -18.66 10.41 11.18
C ASP B 97 -18.91 8.91 11.26
N ARG B 98 -19.57 8.47 12.34
CA ARG B 98 -19.68 7.04 12.59
C ARG B 98 -20.21 6.26 11.41
N ASP B 99 -20.93 6.92 10.50
CA ASP B 99 -21.57 6.22 9.39
C ASP B 99 -20.77 6.35 8.11
N MET B 100 -19.46 6.53 8.22
CA MET B 100 -18.62 6.69 7.03
C MET B 100 -17.28 5.95 7.12
N LEU C 1 12.12 -13.43 1.05
N LEU C 1 12.26 -13.17 1.37
CA LEU C 1 13.56 -13.13 0.97
CA LEU C 1 13.70 -12.98 1.13
C LEU C 1 13.85 -12.09 -0.10
C LEU C 1 13.94 -12.00 0.00
N SER C 2 14.63 -11.07 0.24
N SER C 2 14.65 -10.92 0.29
CA SER C 2 14.84 -9.92 -0.64
CA SER C 2 14.84 -9.84 -0.66
C SER C 2 15.87 -10.23 -1.72
C SER C 2 15.84 -10.22 -1.74
N SER C 3 15.83 -9.41 -2.78
N SER C 3 15.85 -9.44 -2.81
CA SER C 3 16.75 -9.56 -3.90
CA SER C 3 16.76 -9.67 -3.92
C SER C 3 18.09 -8.89 -3.58
C SER C 3 18.14 -9.10 -3.60
N PRO C 4 19.21 -9.51 -3.97
N PRO C 4 19.23 -9.83 -3.86
CA PRO C 4 20.48 -8.77 -3.94
CA PRO C 4 20.55 -9.22 -3.73
C PRO C 4 20.43 -7.51 -4.78
C PRO C 4 20.85 -8.38 -4.96
N VAL C 5 21.26 -6.53 -4.42
N VAL C 5 20.34 -8.83 -6.12
CA VAL C 5 21.37 -5.33 -5.25
CA VAL C 5 20.58 -8.20 -7.41
C VAL C 5 21.86 -5.72 -6.64
C VAL C 5 20.52 -6.68 -7.27
N THR C 6 21.47 -4.93 -7.63
N THR C 6 21.69 -6.03 -7.20
CA THR C 6 22.00 -5.00 -8.98
CA THR C 6 21.75 -4.58 -6.95
C THR C 6 22.86 -3.78 -9.23
C THR C 6 22.89 -3.96 -7.76
N LYS C 7 23.36 -3.66 -10.46
N LYS C 7 22.54 -3.45 -8.94
CA LYS C 7 24.09 -2.47 -10.86
CA LYS C 7 23.44 -2.70 -9.80
C LYS C 7 23.25 -1.22 -10.68
C LYS C 7 22.88 -1.29 -9.96
N SER C 8 23.93 -0.10 -10.44
N SER C 8 23.76 -0.31 -10.14
CA SER C 8 23.29 1.21 -10.32
CA SER C 8 23.33 1.07 -10.15
C SER C 8 22.65 1.65 -11.63
C SER C 8 22.78 1.49 -11.51
N PHE C 9 21.92 2.74 -11.55
N PHE C 9 22.04 2.60 -11.49
CA PHE C 9 21.27 3.36 -12.70
CA PHE C 9 21.43 3.17 -12.70
C PHE C 9 22.29 3.82 -13.75
C PHE C 9 22.50 3.63 -13.67
C ACT D . -16.79 1.19 10.95
O ACT D . -17.90 1.74 10.78
OXT ACT D . -16.53 0.04 11.46
CH3 ACT D . -15.55 2.01 10.48
#